data_4GL0
#
_entry.id   4GL0
#
_cell.length_a   56.330
_cell.length_b   56.330
_cell.length_c   182.493
_cell.angle_alpha   90.000
_cell.angle_beta   90.000
_cell.angle_gamma   120.000
#
_symmetry.space_group_name_H-M   'P 32 2 1'
#
loop_
_entity.id
_entity.type
_entity.pdbx_description
1 polymer 'Lmo0810 protein'
2 non-polymer 'TRIETHYLENE GLYCOL'
3 non-polymer 'TETRAETHYLENE GLYCOL'
4 non-polymer DI(HYDROXYETHYL)ETHER
5 non-polymer 1,2-ETHANEDIOL
6 water water
#
_entity_poly.entity_id   1
_entity_poly.type   'polypeptide(L)'
_entity_poly.pdbx_seq_one_letter_code
;SNASEGYAGSNTLTIYNWGDYIDPSLITKFEKETGIKVIYQTFDSNEA(MSE)(MSE)TKIEQGGTTFDIAVPSDYAISK
(MSE)KEENLLIPLDHSKLPNEKYLDPRF(MSE)DLSFDDDNKYS(MSE)PYFWGTLGIIYNKE(MSE)FPDKNFDTWNA
LFDPELKNQILLIDGAREV(MSE)GLGLNSLGYSLNDTNKAHLQAARDKLET(MSE)TPNVKAIVGDEIKLL(MSE)ADN
EAGVAVTFSGEAAE(MSE)LSENEDLEYVIPKDGSNLWFDN(MSE)VIPKTAKNVDGAHKFINF(MSE)LKPENAAINAE
YVGYATPNAKAVELLPKEISSDERFYPD(MSE)DELNNLEVYDNLGKR(MSE)LSYYNELFLEFK(MSE)YRK
;
_entity_poly.pdbx_strand_id   A
#
loop_
_chem_comp.id
_chem_comp.type
_chem_comp.name
_chem_comp.formula
EDO non-polymer 1,2-ETHANEDIOL 'C2 H6 O2'
PEG non-polymer DI(HYDROXYETHYL)ETHER 'C4 H10 O3'
PG4 non-polymer 'TETRAETHYLENE GLYCOL' 'C8 H18 O5'
PGE non-polymer 'TRIETHYLENE GLYCOL' 'C6 H14 O4'
#
# COMPACT_ATOMS: atom_id res chain seq x y z
N SER A 10 -23.66 15.41 -10.11
CA SER A 10 -24.90 14.65 -9.67
C SER A 10 -25.00 14.57 -8.11
N ASN A 11 -25.85 13.71 -7.54
CA ASN A 11 -25.87 13.53 -6.08
C ASN A 11 -25.30 12.19 -5.55
N THR A 12 -24.56 11.52 -6.40
CA THR A 12 -23.94 10.23 -6.11
C THR A 12 -22.45 10.38 -6.24
N LEU A 13 -21.71 9.75 -5.35
CA LEU A 13 -20.27 9.75 -5.41
C LEU A 13 -19.76 8.30 -5.50
N THR A 14 -18.92 8.02 -6.49
CA THR A 14 -18.40 6.66 -6.72
CA THR A 14 -18.38 6.68 -6.76
C THR A 14 -16.90 6.61 -6.39
N ILE A 15 -16.57 5.74 -5.40
CA ILE A 15 -15.26 5.64 -4.83
C ILE A 15 -14.66 4.29 -5.22
N TYR A 16 -13.40 4.30 -5.63
CA TYR A 16 -12.65 3.10 -5.94
C TYR A 16 -11.47 3.04 -5.02
N ASN A 17 -11.43 2.01 -4.16
CA ASN A 17 -10.40 1.95 -3.15
C ASN A 17 -9.91 0.51 -2.99
N TRP A 18 -8.77 0.37 -2.32
CA TRP A 18 -8.26 -0.94 -1.92
C TRP A 18 -9.30 -1.64 -1.05
N GLY A 19 -9.34 -2.98 -1.10
CA GLY A 19 -10.03 -3.77 -0.08
C GLY A 19 -9.58 -3.42 1.35
N ASP A 20 -10.50 -3.56 2.32
CA ASP A 20 -10.20 -3.49 3.74
C ASP A 20 -9.42 -2.24 4.08
N TYR A 21 -9.90 -1.09 3.65
CA TYR A 21 -9.07 0.12 3.68
C TYR A 21 -9.82 1.36 4.02
N ILE A 22 -10.97 1.18 4.67
CA ILE A 22 -11.72 2.30 5.21
C ILE A 22 -12.55 1.79 6.36
N ASP A 23 -12.81 2.64 7.36
CA ASP A 23 -13.91 2.40 8.29
C ASP A 23 -15.26 2.68 7.64
N PRO A 24 -16.09 1.65 7.42
CA PRO A 24 -17.37 1.91 6.73
C PRO A 24 -18.22 2.97 7.46
N SER A 25 -18.06 3.10 8.76
CA SER A 25 -18.83 4.09 9.48
C SER A 25 -18.51 5.50 9.06
N LEU A 26 -17.37 5.74 8.43
CA LEU A 26 -17.06 7.08 7.91
C LEU A 26 -17.82 7.37 6.62
N ILE A 27 -18.09 6.32 5.84
CA ILE A 27 -18.95 6.50 4.65
C ILE A 27 -20.37 6.86 5.08
N THR A 28 -20.91 6.11 6.05
CA THR A 28 -22.19 6.49 6.68
C THR A 28 -22.24 7.96 7.15
N LYS A 29 -21.19 8.36 7.89
CA LYS A 29 -21.07 9.70 8.48
C LYS A 29 -21.06 10.73 7.33
N PHE A 30 -20.27 10.48 6.28
CA PHE A 30 -20.18 11.36 5.14
C PHE A 30 -21.55 11.53 4.45
N GLU A 31 -22.22 10.41 4.20
CA GLU A 31 -23.56 10.44 3.55
C GLU A 31 -24.58 11.27 4.38
N LYS A 32 -24.56 11.09 5.69
CA LYS A 32 -25.47 11.73 6.62
C LYS A 32 -25.13 13.22 6.58
N GLU A 33 -23.84 13.54 6.60
CA GLU A 33 -23.40 14.94 6.66
C GLU A 33 -23.61 15.71 5.38
N THR A 34 -23.48 15.08 4.21
CA THR A 34 -23.56 15.78 2.95
C THR A 34 -24.82 15.53 2.16
N GLY A 35 -25.55 14.49 2.48
CA GLY A 35 -26.67 14.05 1.69
C GLY A 35 -26.30 13.38 0.38
N ILE A 36 -25.01 13.16 0.13
CA ILE A 36 -24.54 12.47 -1.07
C ILE A 36 -24.65 10.93 -0.87
N LYS A 37 -25.05 10.22 -1.89
CA LYS A 37 -25.09 8.73 -1.83
C LYS A 37 -23.72 8.23 -2.34
N VAL A 38 -23.10 7.33 -1.60
CA VAL A 38 -21.79 6.80 -1.95
C VAL A 38 -21.91 5.36 -2.45
N ILE A 39 -21.33 5.13 -3.62
CA ILE A 39 -21.12 3.82 -4.19
C ILE A 39 -19.63 3.53 -4.06
N TYR A 40 -19.31 2.29 -3.65
CA TYR A 40 -17.93 1.92 -3.23
C TYR A 40 -17.50 0.58 -3.77
N GLN A 41 -16.47 0.58 -4.63
CA GLN A 41 -15.91 -0.61 -5.27
C GLN A 41 -14.49 -0.79 -4.81
N THR A 42 -14.12 -2.02 -4.48
CA THR A 42 -12.77 -2.33 -4.13
C THR A 42 -11.90 -2.96 -5.26
N PHE A 43 -10.58 -2.73 -5.12
CA PHE A 43 -9.59 -3.33 -5.98
C PHE A 43 -8.45 -3.89 -5.11
N ASP A 44 -7.75 -4.85 -5.66
CA ASP A 44 -6.64 -5.51 -4.94
C ASP A 44 -5.24 -5.11 -5.35
N SER A 45 -5.09 -4.30 -6.39
CA SER A 45 -3.76 -3.82 -6.78
C SER A 45 -3.88 -2.55 -7.61
N ASN A 46 -2.79 -1.79 -7.64
CA ASN A 46 -2.74 -0.60 -8.51
C ASN A 46 -2.92 -1.03 -9.96
N GLU A 47 -2.39 -2.20 -10.32
CA GLU A 47 -2.49 -2.67 -11.69
C GLU A 47 -3.94 -2.90 -12.14
N ALA A 48 -4.74 -3.59 -11.32
CA ALA A 48 -6.19 -3.73 -11.53
C ALA A 48 -6.92 -2.37 -11.61
N MSE A 49 -6.60 -1.50 -10.68
CA MSE A 49 -7.22 -0.18 -10.63
CA MSE A 49 -7.22 -0.17 -10.62
C MSE A 49 -6.94 0.60 -11.90
O MSE A 49 -7.85 1.15 -12.53
CB MSE A 49 -6.71 0.58 -9.40
CB MSE A 49 -6.67 0.59 -9.38
CG MSE A 49 -7.12 2.05 -9.36
CG MSE A 49 -7.19 2.03 -9.24
SE MSE A 49 -5.88 3.00 -8.24
SE MSE A 49 -6.16 3.36 -10.19
CE MSE A 49 -4.30 2.95 -9.37
CE MSE A 49 -4.43 2.96 -9.44
N MSE A 50 -5.67 0.62 -12.31
CA MSE A 50 -5.29 1.36 -13.53
C MSE A 50 -5.99 0.81 -14.75
O MSE A 50 -6.48 1.57 -15.61
CB MSE A 50 -3.73 1.37 -13.67
CG MSE A 50 -3.12 2.37 -12.73
SE MSE A 50 -1.22 2.66 -13.12
CE MSE A 50 -0.47 0.91 -12.65
N THR A 51 -6.05 -0.52 -14.86
CA THR A 51 -6.71 -1.15 -15.97
C THR A 51 -8.12 -0.67 -16.08
N LYS A 52 -8.83 -0.60 -14.95
CA LYS A 52 -10.22 -0.18 -15.00
C LYS A 52 -10.35 1.30 -15.33
N ILE A 53 -9.51 2.12 -14.75
CA ILE A 53 -9.63 3.56 -14.96
C ILE A 53 -9.28 3.85 -16.42
N GLU A 54 -8.31 3.13 -16.94
CA GLU A 54 -7.97 3.27 -18.37
C GLU A 54 -9.05 2.94 -19.33
N GLN A 55 -10.03 2.13 -18.96
CA GLN A 55 -11.14 1.87 -19.88
C GLN A 55 -12.06 3.06 -20.05
N GLY A 56 -11.94 4.07 -19.19
CA GLY A 56 -12.65 5.30 -19.42
C GLY A 56 -14.14 5.21 -19.11
N GLY A 57 -14.93 6.01 -19.82
CA GLY A 57 -16.32 6.23 -19.48
C GLY A 57 -16.46 7.08 -18.23
N THR A 58 -17.66 7.07 -17.66
CA THR A 58 -17.98 7.82 -16.50
C THR A 58 -18.18 6.78 -15.38
N THR A 59 -17.20 6.65 -14.51
CA THR A 59 -17.23 5.62 -13.51
C THR A 59 -16.92 6.26 -12.18
N PHE A 60 -15.64 6.34 -11.83
CA PHE A 60 -15.18 6.72 -10.48
C PHE A 60 -14.86 8.20 -10.38
N ASP A 61 -15.33 8.78 -9.28
CA ASP A 61 -15.04 10.10 -8.86
C ASP A 61 -13.80 10.18 -7.98
N ILE A 62 -13.49 9.11 -7.23
CA ILE A 62 -12.34 9.04 -6.32
C ILE A 62 -11.64 7.68 -6.59
N ALA A 63 -10.32 7.72 -6.65
CA ALA A 63 -9.49 6.49 -6.56
C ALA A 63 -8.39 6.74 -5.54
N VAL A 64 -7.81 5.65 -5.02
CA VAL A 64 -6.76 5.77 -3.99
C VAL A 64 -5.46 5.02 -4.42
N PRO A 65 -4.77 5.52 -5.46
CA PRO A 65 -3.59 4.85 -6.00
C PRO A 65 -2.37 5.13 -5.14
N SER A 66 -1.38 4.24 -5.24
CA SER A 66 -0.06 4.47 -4.67
C SER A 66 0.73 5.46 -5.53
N ASP A 67 1.68 6.12 -4.89
CA ASP A 67 2.78 6.87 -5.54
C ASP A 67 3.11 6.63 -7.04
N TYR A 68 3.65 5.48 -7.38
CA TYR A 68 4.06 5.26 -8.78
C TYR A 68 2.85 5.25 -9.75
N ALA A 69 1.74 4.72 -9.31
CA ALA A 69 0.53 4.70 -10.07
C ALA A 69 -0.03 6.13 -10.33
N ILE A 70 0.11 7.03 -9.36
CA ILE A 70 -0.24 8.42 -9.56
C ILE A 70 0.60 9.03 -10.67
N SER A 71 1.90 8.76 -10.66
CA SER A 71 2.80 9.28 -11.65
C SER A 71 2.47 8.68 -13.03
N LYS A 72 2.15 7.41 -13.05
CA LYS A 72 1.74 6.77 -14.28
C LYS A 72 0.41 7.29 -14.83
N MSE A 73 -0.56 7.51 -13.97
CA MSE A 73 -1.86 8.03 -14.37
CA MSE A 73 -1.82 8.01 -14.44
C MSE A 73 -1.68 9.49 -14.87
O MSE A 73 -2.32 9.94 -15.83
CB MSE A 73 -2.87 7.94 -13.21
CB MSE A 73 -2.92 7.76 -13.41
CG MSE A 73 -3.23 6.52 -12.82
CG MSE A 73 -3.42 6.35 -13.56
SE MSE A 73 -4.16 6.45 -11.08
SE MSE A 73 -4.88 5.97 -12.37
CE MSE A 73 -5.92 6.56 -11.80
CE MSE A 73 -4.10 6.75 -10.74
N LYS A 74 -0.80 10.23 -14.21
CA LYS A 74 -0.39 11.53 -14.76
C LYS A 74 0.13 11.42 -16.18
N GLU A 75 1.06 10.52 -16.42
CA GLU A 75 1.64 10.37 -17.73
C GLU A 75 0.59 10.08 -18.78
N GLU A 76 -0.46 9.38 -18.37
CA GLU A 76 -1.53 9.02 -19.29
C GLU A 76 -2.62 10.05 -19.36
N ASN A 77 -2.47 11.17 -18.65
CA ASN A 77 -3.49 12.20 -18.62
C ASN A 77 -4.86 11.73 -18.05
N LEU A 78 -4.82 10.97 -16.97
CA LEU A 78 -6.01 10.35 -16.41
C LEU A 78 -6.47 11.00 -15.15
N LEU A 79 -5.85 12.09 -14.71
CA LEU A 79 -6.22 12.69 -13.44
C LEU A 79 -6.72 14.14 -13.59
N ILE A 80 -7.59 14.56 -12.70
CA ILE A 80 -8.15 15.90 -12.66
C ILE A 80 -7.38 16.71 -11.58
N PRO A 81 -6.92 17.93 -11.89
CA PRO A 81 -6.21 18.70 -10.84
C PRO A 81 -7.15 19.15 -9.75
N LEU A 82 -6.65 19.14 -8.53
CA LEU A 82 -7.47 19.39 -7.38
C LEU A 82 -7.66 20.89 -7.22
N ASP A 83 -8.85 21.27 -6.81
CA ASP A 83 -9.13 22.64 -6.36
C ASP A 83 -8.81 22.77 -4.86
N HIS A 84 -7.65 23.32 -4.53
CA HIS A 84 -7.24 23.38 -3.15
C HIS A 84 -8.10 24.30 -2.33
N SER A 85 -8.85 25.21 -2.96
CA SER A 85 -9.73 26.05 -2.16
C SER A 85 -10.92 25.26 -1.63
N LYS A 86 -11.20 24.06 -2.18
CA LYS A 86 -12.28 23.22 -1.66
C LYS A 86 -11.73 22.20 -0.64
N LEU A 87 -10.45 22.31 -0.38
CA LEU A 87 -9.71 21.36 0.52
C LEU A 87 -9.01 22.05 1.72
N PRO A 88 -9.71 22.95 2.45
CA PRO A 88 -9.05 23.66 3.57
C PRO A 88 -8.45 22.73 4.68
N ASN A 89 -9.02 21.54 4.89
CA ASN A 89 -8.38 20.57 5.82
C ASN A 89 -6.99 20.05 5.42
N GLU A 90 -6.49 20.42 4.25
CA GLU A 90 -5.13 20.02 3.93
C GLU A 90 -4.11 20.54 4.87
N LYS A 91 -4.44 21.63 5.54
CA LYS A 91 -3.52 22.19 6.52
C LYS A 91 -3.18 21.23 7.67
N TYR A 92 -3.97 20.16 7.90
CA TYR A 92 -3.70 19.25 9.01
C TYR A 92 -2.72 18.16 8.68
N LEU A 93 -2.39 18.00 7.40
CA LEU A 93 -1.45 16.98 6.97
C LEU A 93 -0.02 17.31 7.38
N ASP A 94 0.75 16.27 7.67
CA ASP A 94 2.15 16.36 7.93
C ASP A 94 2.85 16.68 6.65
N PRO A 95 3.64 17.79 6.65
CA PRO A 95 4.26 18.25 5.40
C PRO A 95 5.27 17.27 4.84
N ARG A 96 5.77 16.37 5.68
CA ARG A 96 6.74 15.36 5.22
C ARG A 96 6.11 14.42 4.16
N PHE A 97 4.79 14.39 4.11
CA PHE A 97 4.05 13.53 3.16
C PHE A 97 3.55 14.27 1.95
N MSE A 98 3.90 15.55 1.83
CA MSE A 98 3.39 16.44 0.80
CA MSE A 98 3.39 16.40 0.78
C MSE A 98 4.50 16.82 -0.17
O MSE A 98 5.68 16.75 0.17
CB MSE A 98 2.83 17.71 1.44
CB MSE A 98 2.69 17.62 1.36
CG MSE A 98 1.81 17.43 2.48
CG MSE A 98 1.50 17.28 2.24
SE MSE A 98 0.25 16.76 1.60
SE MSE A 98 0.54 18.88 2.82
CE MSE A 98 -0.55 18.49 1.20
CE MSE A 98 -0.38 19.32 1.17
N ASP A 99 4.11 17.32 -1.34
CA ASP A 99 5.06 17.77 -2.35
C ASP A 99 6.15 16.74 -2.57
N LEU A 100 5.75 15.52 -2.78
CA LEU A 100 6.70 14.39 -3.10
C LEU A 100 6.77 14.22 -4.60
N SER A 101 7.84 13.63 -5.11
CA SER A 101 8.20 13.75 -6.52
C SER A 101 7.14 13.09 -7.46
N PHE A 102 6.36 12.15 -6.95
CA PHE A 102 5.27 11.56 -7.78
C PHE A 102 4.12 12.53 -8.10
N ASP A 103 3.98 13.61 -7.30
CA ASP A 103 2.93 14.61 -7.51
C ASP A 103 3.37 15.94 -6.88
N ASP A 104 4.20 16.70 -7.60
CA ASP A 104 4.76 17.94 -7.10
C ASP A 104 3.63 18.88 -6.74
N ASP A 105 3.80 19.57 -5.61
CA ASP A 105 2.80 20.53 -5.07
C ASP A 105 1.39 19.96 -4.86
N ASN A 106 1.29 18.64 -4.75
CA ASN A 106 -0.04 17.99 -4.62
C ASN A 106 -1.09 18.59 -5.55
N LYS A 107 -0.69 18.71 -6.81
CA LYS A 107 -1.61 19.15 -7.87
C LYS A 107 -2.78 18.17 -8.12
N TYR A 108 -2.52 16.89 -8.00
CA TYR A 108 -3.50 15.84 -8.31
C TYR A 108 -3.95 14.99 -7.12
N SER A 109 -3.25 15.02 -6.00
CA SER A 109 -3.46 13.98 -4.97
C SER A 109 -3.32 14.48 -3.53
N MSE A 110 -3.97 13.77 -2.58
CA MSE A 110 -3.89 14.07 -1.13
C MSE A 110 -3.65 12.80 -0.36
O MSE A 110 -4.42 11.83 -0.46
CB MSE A 110 -5.16 14.73 -0.57
CG MSE A 110 -5.41 16.09 -1.11
SE MSE A 110 -4.15 17.35 -0.24
CE MSE A 110 -3.92 18.55 -1.69
N PRO A 111 -2.62 12.80 0.49
CA PRO A 111 -2.31 11.61 1.33
C PRO A 111 -3.47 10.97 2.06
N TYR A 112 -3.58 9.63 1.93
CA TYR A 112 -4.63 8.83 2.55
C TYR A 112 -4.04 8.01 3.72
N PHE A 113 -3.11 7.11 3.39
CA PHE A 113 -2.35 6.34 4.38
C PHE A 113 -0.96 6.22 3.77
N TRP A 114 0.04 5.90 4.59
CA TRP A 114 1.35 5.50 4.11
C TRP A 114 1.83 4.30 4.86
N GLY A 115 2.95 3.74 4.44
CA GLY A 115 3.39 2.54 5.15
C GLY A 115 4.65 1.97 4.54
N THR A 116 4.93 0.75 4.98
CA THR A 116 6.08 -0.01 4.51
C THR A 116 5.67 -1.41 4.08
N LEU A 117 6.64 -2.16 3.57
CA LEU A 117 6.47 -3.53 3.23
C LEU A 117 7.45 -4.32 4.05
N GLY A 118 7.01 -5.47 4.54
CA GLY A 118 7.84 -6.22 5.44
C GLY A 118 7.45 -7.65 5.63
N ILE A 119 8.10 -8.25 6.64
CA ILE A 119 7.88 -9.64 6.99
C ILE A 119 7.16 -9.77 8.30
N ILE A 120 6.02 -10.50 8.28
CA ILE A 120 5.30 -10.86 9.51
C ILE A 120 5.61 -12.32 9.72
N TYR A 121 6.08 -12.67 10.93
CA TYR A 121 6.41 -14.05 11.21
C TYR A 121 6.00 -14.41 12.64
N ASN A 122 5.72 -15.68 12.81
CA ASN A 122 5.39 -16.25 14.10
C ASN A 122 6.66 -16.63 14.88
N LYS A 123 6.91 -15.88 15.95
CA LYS A 123 8.11 -16.01 16.75
C LYS A 123 8.17 -17.39 17.42
N GLU A 124 7.02 -18.03 17.65
CA GLU A 124 7.02 -19.34 18.30
C GLU A 124 7.33 -20.45 17.34
N MSE A 125 7.01 -20.22 16.07
CA MSE A 125 7.33 -21.17 14.97
C MSE A 125 8.76 -21.03 14.49
O MSE A 125 9.42 -22.04 14.17
CB MSE A 125 6.36 -20.97 13.79
CG MSE A 125 4.98 -21.42 14.16
SE MSE A 125 3.72 -21.13 12.73
CE MSE A 125 4.71 -22.12 11.36
N PHE A 126 9.27 -19.81 14.49
CA PHE A 126 10.60 -19.52 14.04
C PHE A 126 11.49 -18.75 15.00
N PRO A 127 11.75 -19.33 16.17
CA PRO A 127 12.50 -18.61 17.21
C PRO A 127 13.97 -18.48 16.92
N ASP A 128 14.43 -19.27 15.96
CA ASP A 128 15.80 -19.40 15.55
C ASP A 128 16.06 -18.67 14.24
N LYS A 129 15.06 -18.04 13.63
CA LYS A 129 15.25 -17.41 12.33
C LYS A 129 15.43 -15.91 12.51
N ASN A 130 16.11 -15.33 11.55
CA ASN A 130 16.32 -13.91 11.56
C ASN A 130 15.80 -13.32 10.25
N PHE A 131 14.69 -12.61 10.35
CA PHE A 131 14.05 -12.13 9.16
C PHE A 131 14.51 -10.70 8.84
N ASP A 132 15.76 -10.40 9.23
CA ASP A 132 16.39 -9.12 8.98
CA ASP A 132 16.34 -9.10 8.98
C ASP A 132 16.86 -8.94 7.54
N THR A 133 16.83 -10.04 6.75
CA THR A 133 17.25 -10.08 5.36
C THR A 133 16.18 -10.78 4.52
N TRP A 134 15.90 -10.29 3.31
CA TRP A 134 15.04 -10.99 2.38
C TRP A 134 15.47 -12.42 2.16
N ASN A 135 16.77 -12.67 2.26
CA ASN A 135 17.30 -14.04 2.09
C ASN A 135 16.85 -15.07 3.11
N ALA A 136 16.38 -14.63 4.26
CA ALA A 136 15.77 -15.56 5.22
C ALA A 136 14.60 -16.29 4.60
N LEU A 137 13.93 -15.64 3.62
CA LEU A 137 12.72 -16.24 3.01
C LEU A 137 13.05 -17.43 2.10
N PHE A 138 14.32 -17.57 1.70
CA PHE A 138 14.75 -18.66 0.78
C PHE A 138 15.31 -19.87 1.55
N ASP A 139 15.27 -19.81 2.87
CA ASP A 139 15.74 -20.90 3.75
C ASP A 139 14.94 -22.20 3.47
N PRO A 140 15.64 -23.33 3.28
CA PRO A 140 14.78 -24.43 2.90
C PRO A 140 13.98 -25.04 4.04
N GLU A 141 14.15 -24.57 5.29
CA GLU A 141 13.21 -24.98 6.38
C GLU A 141 11.87 -24.26 6.30
N LEU A 142 11.72 -23.32 5.38
CA LEU A 142 10.46 -22.59 5.28
C LEU A 142 9.53 -23.17 4.19
N LYS A 143 9.66 -24.47 3.92
CA LYS A 143 8.83 -25.11 2.91
C LYS A 143 7.33 -24.93 3.20
N ASN A 144 6.57 -24.52 2.17
CA ASN A 144 5.17 -24.12 2.33
C ASN A 144 4.79 -23.25 3.52
N GLN A 145 5.64 -22.29 3.86
CA GLN A 145 5.39 -21.46 5.02
C GLN A 145 5.03 -20.01 4.76
N ILE A 146 5.18 -19.54 3.51
CA ILE A 146 5.13 -18.11 3.21
C ILE A 146 3.87 -17.74 2.47
N LEU A 147 3.19 -16.72 2.97
CA LEU A 147 2.07 -16.09 2.31
C LEU A 147 2.58 -14.78 1.69
N LEU A 148 2.53 -14.70 0.37
CA LEU A 148 3.11 -13.56 -0.36
C LEU A 148 2.02 -12.68 -0.91
N ILE A 149 2.15 -11.38 -0.72
CA ILE A 149 1.26 -10.37 -1.23
C ILE A 149 1.25 -10.51 -2.76
N ASP A 150 0.04 -10.44 -3.33
CA ASP A 150 -0.16 -10.60 -4.76
C ASP A 150 -0.01 -9.20 -5.39
N GLY A 151 1.23 -8.78 -5.60
CA GLY A 151 1.55 -7.49 -6.11
C GLY A 151 2.89 -7.57 -6.85
N ALA A 152 2.91 -7.08 -8.09
CA ALA A 152 4.09 -7.21 -8.95
C ALA A 152 5.27 -6.39 -8.44
N ARG A 153 5.01 -5.13 -8.06
CA ARG A 153 6.10 -4.27 -7.59
C ARG A 153 6.64 -4.84 -6.27
N GLU A 154 5.73 -5.28 -5.40
CA GLU A 154 6.18 -5.84 -4.14
C GLU A 154 7.07 -7.08 -4.30
N VAL A 155 6.65 -8.03 -5.12
CA VAL A 155 7.35 -9.33 -5.18
C VAL A 155 8.61 -9.19 -6.08
N MSE A 156 8.52 -8.50 -7.23
CA MSE A 156 9.73 -8.23 -8.02
C MSE A 156 10.70 -7.40 -7.21
O MSE A 156 11.94 -7.64 -7.27
CB MSE A 156 9.41 -7.50 -9.35
CG MSE A 156 8.60 -8.30 -10.27
SE MSE A 156 9.42 -10.01 -10.72
CE MSE A 156 10.94 -9.40 -11.33
N GLY A 157 10.19 -6.45 -6.42
CA GLY A 157 11.04 -5.63 -5.63
C GLY A 157 11.79 -6.39 -4.58
N LEU A 158 11.14 -7.32 -3.90
CA LEU A 158 11.88 -8.09 -2.88
C LEU A 158 12.88 -9.02 -3.54
N GLY A 159 12.55 -9.51 -4.72
CA GLY A 159 13.50 -10.35 -5.43
C GLY A 159 14.76 -9.57 -5.77
N LEU A 160 14.57 -8.36 -6.27
CA LEU A 160 15.68 -7.45 -6.62
C LEU A 160 16.49 -7.11 -5.37
N ASN A 161 15.79 -6.76 -4.31
CA ASN A 161 16.44 -6.42 -3.06
C ASN A 161 17.22 -7.62 -2.53
N SER A 162 16.70 -8.83 -2.66
CA SER A 162 17.41 -10.00 -2.17
C SER A 162 18.76 -10.24 -2.86
N LEU A 163 18.94 -9.63 -4.04
CA LEU A 163 20.13 -9.75 -4.85
C LEU A 163 21.05 -8.58 -4.63
N GLY A 164 20.59 -7.62 -3.83
CA GLY A 164 21.33 -6.34 -3.59
C GLY A 164 21.01 -5.21 -4.57
N TYR A 165 19.92 -5.33 -5.32
CA TYR A 165 19.53 -4.36 -6.34
C TYR A 165 18.36 -3.52 -5.88
N SER A 166 18.21 -2.37 -6.54
CA SER A 166 17.12 -1.47 -6.28
C SER A 166 15.80 -2.13 -6.67
N LEU A 167 14.72 -1.79 -5.94
CA LEU A 167 13.38 -2.22 -6.28
C LEU A 167 12.78 -1.43 -7.47
N ASN A 168 13.58 -0.47 -7.99
CA ASN A 168 13.23 0.24 -9.20
C ASN A 168 14.20 -0.05 -10.36
N ASP A 169 14.96 -1.14 -10.28
CA ASP A 169 15.99 -1.47 -11.29
C ASP A 169 15.35 -1.67 -12.63
N THR A 170 15.87 -1.05 -13.69
CA THR A 170 15.36 -1.31 -15.03
C THR A 170 16.38 -1.97 -15.98
N ASN A 171 17.47 -2.44 -15.41
CA ASN A 171 18.41 -3.29 -16.16
C ASN A 171 17.71 -4.64 -16.38
N LYS A 172 17.53 -5.02 -17.63
CA LYS A 172 16.73 -6.23 -17.92
C LYS A 172 17.40 -7.53 -17.43
N ALA A 173 18.73 -7.50 -17.42
CA ALA A 173 19.54 -8.60 -16.94
C ALA A 173 19.31 -8.76 -15.42
N HIS A 174 19.24 -7.66 -14.69
CA HIS A 174 18.93 -7.73 -13.27
C HIS A 174 17.53 -8.26 -13.01
N LEU A 175 16.55 -7.79 -13.80
CA LEU A 175 15.16 -8.26 -13.67
C LEU A 175 15.02 -9.75 -13.96
N GLN A 176 15.68 -10.23 -14.97
CA GLN A 176 15.68 -11.68 -15.21
C GLN A 176 16.36 -12.47 -14.07
N ALA A 177 17.43 -11.91 -13.53
CA ALA A 177 18.08 -12.48 -12.36
C ALA A 177 17.13 -12.51 -11.19
N ALA A 178 16.32 -11.46 -11.03
CA ALA A 178 15.36 -11.43 -9.90
C ALA A 178 14.24 -12.45 -10.06
N ARG A 179 13.79 -12.66 -11.27
CA ARG A 179 12.78 -13.67 -11.52
C ARG A 179 13.34 -15.06 -11.25
N ASP A 180 14.52 -15.32 -11.78
CA ASP A 180 15.23 -16.60 -11.47
C ASP A 180 15.38 -16.82 -9.97
N LYS A 181 15.76 -15.78 -9.23
CA LYS A 181 15.91 -15.93 -7.80
C LYS A 181 14.56 -16.33 -7.19
N LEU A 182 13.54 -15.60 -7.59
CA LEU A 182 12.21 -15.77 -6.97
C LEU A 182 11.72 -17.21 -7.28
N GLU A 183 12.00 -17.73 -8.46
CA GLU A 183 11.71 -19.16 -8.70
C GLU A 183 12.25 -20.11 -7.64
N THR A 184 13.43 -19.80 -7.12
CA THR A 184 14.00 -20.67 -6.10
C THR A 184 13.21 -20.63 -4.81
N MSE A 185 12.38 -19.58 -4.58
CA MSE A 185 11.57 -19.43 -3.39
CA MSE A 185 11.58 -19.47 -3.36
C MSE A 185 10.32 -20.31 -3.47
O MSE A 185 9.68 -20.58 -2.47
CB MSE A 185 11.10 -17.95 -3.26
CB MSE A 185 11.16 -18.01 -3.08
CG MSE A 185 10.85 -17.47 -1.85
CG MSE A 185 10.77 -17.76 -1.63
SE MSE A 185 10.58 -15.50 -1.74
SE MSE A 185 9.55 -16.24 -1.29
CE MSE A 185 9.02 -15.45 -2.87
CE MSE A 185 10.64 -14.84 -2.12
N THR A 186 9.96 -20.70 -4.69
CA THR A 186 8.64 -21.34 -4.89
C THR A 186 8.27 -22.47 -3.92
N PRO A 187 9.19 -23.38 -3.57
CA PRO A 187 8.78 -24.40 -2.57
C PRO A 187 8.35 -23.84 -1.23
N ASN A 188 8.79 -22.63 -0.92
CA ASN A 188 8.50 -22.01 0.37
C ASN A 188 7.21 -21.22 0.34
N VAL A 189 6.60 -21.10 -0.82
CA VAL A 189 5.40 -20.28 -0.99
C VAL A 189 4.11 -21.13 -0.85
N LYS A 190 3.38 -20.89 0.22
CA LYS A 190 2.11 -21.57 0.45
C LYS A 190 1.05 -21.00 -0.52
N ALA A 191 0.96 -19.66 -0.60
CA ALA A 191 -0.06 -19.01 -1.44
C ALA A 191 0.37 -17.59 -1.77
N ILE A 192 -0.14 -17.08 -2.88
CA ILE A 192 0.04 -15.71 -3.27
C ILE A 192 -1.37 -15.09 -3.20
N VAL A 193 -1.61 -14.15 -2.30
CA VAL A 193 -2.95 -13.74 -1.91
C VAL A 193 -2.90 -12.27 -1.45
N GLY A 194 -4.04 -11.66 -1.18
CA GLY A 194 -4.05 -10.27 -0.69
C GLY A 194 -4.55 -10.11 0.73
N ASP A 195 -5.77 -9.61 0.87
CA ASP A 195 -6.41 -9.36 2.16
C ASP A 195 -6.67 -10.62 2.95
N GLU A 196 -6.71 -11.75 2.31
CA GLU A 196 -6.83 -13.04 3.05
C GLU A 196 -5.70 -13.31 4.05
N ILE A 197 -4.54 -12.67 3.87
CA ILE A 197 -3.37 -13.05 4.65
C ILE A 197 -3.63 -12.92 6.16
N LYS A 198 -4.11 -11.76 6.59
CA LYS A 198 -4.39 -11.53 8.00
C LYS A 198 -5.34 -12.58 8.62
N LEU A 199 -6.26 -13.08 7.82
CA LEU A 199 -7.19 -14.12 8.29
C LEU A 199 -6.50 -15.48 8.33
N LEU A 200 -5.60 -15.75 7.38
CA LEU A 200 -4.97 -17.05 7.28
C LEU A 200 -3.94 -17.21 8.40
N MSE A 201 -3.38 -16.09 8.85
CA MSE A 201 -2.36 -16.04 9.88
C MSE A 201 -2.95 -15.87 11.30
O MSE A 201 -2.17 -15.86 12.27
CB MSE A 201 -1.44 -14.82 9.64
CG MSE A 201 -0.66 -14.75 8.32
SE MSE A 201 1.03 -15.79 8.51
CE MSE A 201 2.07 -14.62 9.62
N ALA A 202 -4.27 -15.62 11.41
CA ALA A 202 -4.91 -15.29 12.69
C ALA A 202 -4.81 -16.59 13.45
N ASP A 203 -4.58 -16.59 14.74
CA ASP A 203 -4.48 -17.87 15.46
CA ASP A 203 -4.46 -17.91 15.39
C ASP A 203 -5.88 -18.32 15.82
N ASN A 204 -6.56 -18.98 14.88
CA ASN A 204 -7.94 -19.44 15.08
C ASN A 204 -8.03 -20.84 15.72
N ALA A 206 0.69 -21.88 7.40
CA ALA A 206 1.91 -21.09 7.08
C ALA A 206 2.20 -20.07 8.23
N GLY A 207 3.45 -19.80 8.58
CA GLY A 207 3.76 -18.86 9.70
C GLY A 207 4.61 -17.61 9.35
N VAL A 208 4.74 -17.38 8.04
CA VAL A 208 5.45 -16.22 7.52
C VAL A 208 4.59 -15.56 6.43
N ALA A 209 4.54 -14.24 6.47
CA ALA A 209 3.88 -13.47 5.40
C ALA A 209 4.73 -12.27 4.98
N VAL A 210 4.63 -11.92 3.69
CA VAL A 210 5.17 -10.67 3.20
C VAL A 210 4.01 -9.78 2.76
N THR A 211 3.78 -8.71 3.51
CA THR A 211 2.71 -7.77 3.14
C THR A 211 2.93 -6.42 3.81
N PHE A 212 1.92 -5.55 3.70
CA PHE A 212 2.01 -4.16 4.13
C PHE A 212 1.95 -4.00 5.65
N SER A 213 2.60 -2.93 6.10
CA SER A 213 2.60 -2.52 7.49
C SER A 213 1.24 -2.49 8.14
N GLY A 214 0.20 -1.93 7.52
CA GLY A 214 -1.08 -1.85 8.21
C GLY A 214 -1.76 -3.20 8.40
N GLU A 215 -1.56 -4.11 7.44
CA GLU A 215 -2.04 -5.47 7.60
C GLU A 215 -1.30 -6.10 8.81
N ALA A 216 0.00 -5.85 8.90
CA ALA A 216 0.79 -6.37 10.04
C ALA A 216 0.30 -5.79 11.37
N ALA A 217 0.02 -4.49 11.41
CA ALA A 217 -0.54 -3.87 12.64
C ALA A 217 -1.78 -4.58 13.09
N GLU A 218 -2.73 -4.81 12.17
CA GLU A 218 -3.93 -5.59 12.50
CA GLU A 218 -3.94 -5.60 12.45
C GLU A 218 -3.56 -6.97 13.00
N MSE A 219 -2.73 -7.68 12.28
CA MSE A 219 -2.30 -9.04 12.69
C MSE A 219 -1.67 -9.15 14.08
O MSE A 219 -2.05 -10.00 14.87
CB MSE A 219 -1.31 -9.61 11.68
CG MSE A 219 -1.99 -10.19 10.49
SE MSE A 219 -0.71 -10.89 9.20
CE MSE A 219 -0.76 -9.55 7.89
N LEU A 220 -0.67 -8.31 14.35
CA LEU A 220 0.05 -8.29 15.62
C LEU A 220 -0.89 -7.95 16.77
N SER A 221 -1.89 -7.09 16.51
CA SER A 221 -2.81 -6.70 17.58
C SER A 221 -3.70 -7.88 18.02
N GLU A 222 -3.92 -8.85 17.16
CA GLU A 222 -4.74 -10.04 17.43
C GLU A 222 -3.92 -11.25 17.86
N ASN A 223 -2.61 -11.25 17.57
CA ASN A 223 -1.75 -12.38 17.93
C ASN A 223 -0.40 -11.90 18.45
N GLU A 224 -0.26 -12.03 19.77
CA GLU A 224 0.92 -11.71 20.55
CA GLU A 224 0.96 -11.59 20.46
C GLU A 224 2.20 -12.38 20.02
N ASP A 225 2.05 -13.56 19.40
CA ASP A 225 3.21 -14.35 18.93
C ASP A 225 3.80 -13.85 17.59
N LEU A 226 3.12 -12.92 16.93
CA LEU A 226 3.59 -12.44 15.64
C LEU A 226 4.50 -11.24 15.84
N GLU A 227 5.44 -11.06 14.91
CA GLU A 227 6.31 -9.91 14.88
C GLU A 227 6.38 -9.39 13.42
N TYR A 228 6.66 -8.09 13.26
CA TYR A 228 6.83 -7.43 11.92
C TYR A 228 8.23 -6.84 11.88
N VAL A 229 8.97 -7.20 10.85
CA VAL A 229 10.32 -6.66 10.67
C VAL A 229 10.44 -6.15 9.25
N ILE A 230 11.06 -5.00 9.10
CA ILE A 230 11.43 -4.50 7.76
C ILE A 230 12.87 -4.89 7.48
N PRO A 231 13.11 -5.75 6.48
CA PRO A 231 14.49 -6.15 6.26
C PRO A 231 15.50 -4.97 6.14
N LYS A 232 16.65 -5.13 6.76
CA LYS A 232 17.69 -4.11 6.73
C LYS A 232 18.43 -4.08 5.37
N ASP A 233 18.32 -5.10 4.54
CA ASP A 233 18.85 -5.01 3.18
C ASP A 233 17.77 -4.39 2.26
N GLY A 234 17.10 -3.31 2.72
CA GLY A 234 16.23 -2.55 1.85
C GLY A 234 14.82 -3.07 1.84
N SER A 235 13.86 -2.15 1.80
CA SER A 235 12.49 -2.52 1.47
C SER A 235 11.78 -1.27 0.93
N ASN A 236 10.48 -1.35 0.87
CA ASN A 236 9.63 -0.37 0.23
C ASN A 236 8.99 0.54 1.29
N LEU A 237 8.94 1.84 0.96
CA LEU A 237 8.20 2.86 1.66
C LEU A 237 7.19 3.33 0.60
N TRP A 238 5.93 3.42 0.98
CA TRP A 238 4.83 3.73 0.04
C TRP A 238 3.83 4.77 0.62
N PHE A 239 3.16 5.44 -0.32
CA PHE A 239 2.19 6.45 -0.04
C PHE A 239 1.00 6.22 -0.95
N ASP A 240 -0.18 6.11 -0.35
CA ASP A 240 -1.43 5.97 -1.06
C ASP A 240 -2.21 7.28 -0.85
N ASN A 241 -2.64 7.87 -1.96
CA ASN A 241 -3.20 9.23 -2.00
C ASN A 241 -4.55 9.17 -2.72
N MSE A 242 -5.51 9.97 -2.30
CA MSE A 242 -6.78 10.15 -2.99
C MSE A 242 -6.55 11.01 -4.20
O MSE A 242 -5.80 12.00 -4.11
CB MSE A 242 -7.78 10.84 -2.04
CG MSE A 242 -8.24 9.93 -0.96
SE MSE A 242 -9.28 10.86 0.42
CE MSE A 242 -7.81 11.78 1.35
N VAL A 243 -7.13 10.59 -5.34
CA VAL A 243 -7.18 11.36 -6.58
C VAL A 243 -8.62 11.42 -7.15
N ILE A 244 -8.79 12.33 -8.10
CA ILE A 244 -10.03 12.47 -8.88
C ILE A 244 -9.68 12.08 -10.33
N PRO A 245 -10.00 10.85 -10.73
CA PRO A 245 -9.71 10.37 -12.07
C PRO A 245 -10.63 11.03 -13.06
N LYS A 246 -10.21 11.02 -14.34
CA LYS A 246 -10.96 11.65 -15.42
C LYS A 246 -12.25 10.91 -15.74
N THR A 247 -12.51 9.79 -15.06
CA THR A 247 -13.79 9.10 -15.17
C THR A 247 -14.88 9.77 -14.29
N ALA A 248 -14.56 10.87 -13.63
CA ALA A 248 -15.39 11.41 -12.57
C ALA A 248 -16.60 12.09 -13.15
N LYS A 249 -17.70 12.01 -12.43
CA LYS A 249 -18.86 12.79 -12.80
CA LYS A 249 -18.92 12.75 -12.76
C LYS A 249 -19.18 13.81 -11.71
N ASN A 250 -18.85 13.49 -10.47
CA ASN A 250 -19.22 14.36 -9.38
C ASN A 250 -17.98 14.94 -8.77
N VAL A 251 -17.43 15.94 -9.45
CA VAL A 251 -16.13 16.44 -9.09
C VAL A 251 -16.20 17.23 -7.81
N ASP A 252 -17.30 17.98 -7.61
CA ASP A 252 -17.51 18.77 -6.40
C ASP A 252 -17.65 17.82 -5.20
N GLY A 253 -18.42 16.76 -5.39
CA GLY A 253 -18.64 15.77 -4.34
C GLY A 253 -17.34 15.10 -3.89
N ALA A 254 -16.49 14.82 -4.88
CA ALA A 254 -15.16 14.24 -4.67
C ALA A 254 -14.29 15.14 -3.79
N HIS A 255 -14.32 16.45 -4.05
CA HIS A 255 -13.57 17.39 -3.23
C HIS A 255 -14.14 17.35 -1.83
N LYS A 256 -15.45 17.25 -1.70
CA LYS A 256 -16.07 17.16 -0.36
C LYS A 256 -15.61 15.93 0.42
N PHE A 257 -15.49 14.81 -0.26
CA PHE A 257 -15.06 13.60 0.39
C PHE A 257 -13.59 13.68 0.80
N ILE A 258 -12.77 14.18 -0.08
CA ILE A 258 -11.35 14.38 0.22
C ILE A 258 -11.21 15.29 1.46
N ASN A 259 -11.94 16.40 1.49
CA ASN A 259 -11.83 17.34 2.56
C ASN A 259 -12.33 16.70 3.84
N PHE A 260 -13.37 15.93 3.74
CA PHE A 260 -13.92 15.18 4.88
C PHE A 260 -12.87 14.20 5.47
N MSE A 261 -12.15 13.52 4.60
CA MSE A 261 -11.21 12.55 5.08
C MSE A 261 -9.95 13.22 5.60
O MSE A 261 -9.20 12.59 6.32
CB MSE A 261 -10.87 11.57 4.00
CG MSE A 261 -12.05 10.69 3.61
SE MSE A 261 -12.74 9.57 5.07
CE MSE A 261 -11.17 8.41 5.29
N LEU A 262 -9.72 14.49 5.24
CA LEU A 262 -8.59 15.26 5.80
C LEU A 262 -8.91 15.92 7.17
N LYS A 263 -10.18 15.92 7.58
CA LYS A 263 -10.54 16.36 8.93
C LYS A 263 -9.88 15.44 9.94
N PRO A 264 -9.16 15.98 10.93
CA PRO A 264 -8.42 15.12 11.88
C PRO A 264 -9.21 14.04 12.61
N GLU A 265 -10.44 14.32 13.03
CA GLU A 265 -11.20 13.30 13.79
C GLU A 265 -11.56 12.18 12.83
N ASN A 266 -11.86 12.50 11.57
CA ASN A 266 -12.11 11.42 10.58
C ASN A 266 -10.86 10.62 10.26
N ALA A 267 -9.72 11.28 10.10
CA ALA A 267 -8.47 10.59 9.82
C ALA A 267 -8.07 9.66 11.00
N ALA A 268 -8.34 10.08 12.25
CA ALA A 268 -7.99 9.31 13.46
C ALA A 268 -8.87 8.07 13.55
N ILE A 269 -10.17 8.27 13.40
CA ILE A 269 -11.15 7.15 13.33
C ILE A 269 -10.71 6.13 12.25
N ASN A 270 -10.39 6.62 11.06
CA ASN A 270 -9.95 5.70 10.00
C ASN A 270 -8.66 4.92 10.36
N ALA A 271 -7.65 5.62 10.91
CA ALA A 271 -6.38 4.97 11.24
C ALA A 271 -6.61 3.94 12.35
N GLU A 272 -7.43 4.31 13.32
CA GLU A 272 -7.71 3.40 14.43
C GLU A 272 -8.45 2.13 13.95
N TYR A 273 -9.37 2.27 13.03
CA TYR A 273 -10.11 1.12 12.55
C TYR A 273 -9.27 0.26 11.62
N VAL A 274 -8.61 0.88 10.66
CA VAL A 274 -7.98 0.12 9.61
C VAL A 274 -6.56 -0.35 10.02
N GLY A 275 -5.79 0.44 10.78
CA GLY A 275 -4.48 -0.04 11.29
C GLY A 275 -3.25 0.50 10.59
N TYR A 276 -3.47 1.27 9.50
CA TYR A 276 -2.37 1.87 8.75
C TYR A 276 -2.00 3.17 9.38
N ALA A 277 -0.76 3.60 9.11
CA ALA A 277 -0.25 4.90 9.59
C ALA A 277 -0.85 6.12 8.91
N THR A 278 -1.27 7.05 9.74
CA THR A 278 -1.89 8.24 9.24
C THR A 278 -0.81 9.23 8.77
N PRO A 279 -1.10 9.93 7.67
CA PRO A 279 -0.28 11.09 7.30
C PRO A 279 -0.74 12.40 7.90
N ASN A 280 -1.82 12.37 8.70
CA ASN A 280 -2.45 13.55 9.25
C ASN A 280 -1.79 13.84 10.60
N ALA A 281 -1.12 14.99 10.68
CA ALA A 281 -0.33 15.36 11.88
C ALA A 281 -1.23 15.62 13.09
N LYS A 282 -2.42 16.19 12.92
CA LYS A 282 -3.35 16.37 14.06
C LYS A 282 -4.04 15.05 14.50
N ALA A 283 -4.36 14.17 13.54
CA ALA A 283 -4.94 12.87 13.86
C ALA A 283 -4.00 12.02 14.72
N VAL A 284 -2.70 12.09 14.48
CA VAL A 284 -1.70 11.38 15.33
C VAL A 284 -1.89 11.67 16.80
N GLU A 285 -2.11 12.95 17.12
CA GLU A 285 -2.38 13.37 18.50
C GLU A 285 -3.65 12.72 19.08
N LEU A 286 -4.63 12.49 18.23
CA LEU A 286 -5.94 12.00 18.64
C LEU A 286 -5.94 10.51 18.89
N LEU A 287 -4.96 9.82 18.31
CA LEU A 287 -4.85 8.39 18.49
C LEU A 287 -4.42 8.06 19.89
N PRO A 288 -4.84 6.88 20.35
CA PRO A 288 -4.31 6.34 21.59
C PRO A 288 -2.79 6.20 21.50
N LYS A 289 -2.13 6.53 22.60
CA LYS A 289 -0.68 6.53 22.64
C LYS A 289 -0.05 5.15 22.39
N GLU A 290 -0.81 4.08 22.66
CA GLU A 290 -0.33 2.73 22.36
CA GLU A 290 -0.40 2.70 22.35
C GLU A 290 -0.22 2.49 20.82
N ILE A 291 -1.02 3.23 20.03
CA ILE A 291 -0.95 3.15 18.56
CA ILE A 291 -0.93 3.14 18.57
C ILE A 291 0.19 4.03 18.04
N SER A 292 0.12 5.33 18.34
CA SER A 292 1.13 6.30 17.85
C SER A 292 2.56 6.01 18.33
N SER A 293 2.72 5.46 19.54
CA SER A 293 4.05 5.16 20.12
CA SER A 293 4.05 5.18 20.11
C SER A 293 4.70 3.90 19.55
N ASP A 294 3.95 3.13 18.77
CA ASP A 294 4.52 1.90 18.19
C ASP A 294 5.42 2.23 17.01
N GLU A 295 6.71 2.06 17.24
CA GLU A 295 7.68 2.48 16.23
C GLU A 295 7.83 1.54 15.07
N ARG A 296 7.26 0.35 15.14
CA ARG A 296 7.23 -0.50 13.94
C ARG A 296 6.32 0.11 12.84
N PHE A 297 5.32 0.90 13.26
CA PHE A 297 4.27 1.47 12.35
C PHE A 297 4.37 2.97 12.25
N TYR A 298 4.86 3.60 13.32
CA TYR A 298 5.18 5.03 13.29
C TYR A 298 6.72 5.24 13.51
N PRO A 299 7.54 4.71 12.57
CA PRO A 299 9.00 4.83 12.77
C PRO A 299 9.50 6.29 12.82
N ASP A 300 10.72 6.49 13.32
CA ASP A 300 11.39 7.79 13.20
C ASP A 300 11.91 7.94 11.77
N MSE A 301 11.91 9.17 11.27
CA MSE A 301 12.33 9.35 9.89
CA MSE A 301 12.45 9.48 9.92
C MSE A 301 13.74 8.75 9.66
O MSE A 301 13.94 8.13 8.63
CB MSE A 301 12.15 10.81 9.42
CB MSE A 301 12.77 10.98 9.81
CG MSE A 301 10.66 11.25 9.24
CG MSE A 301 11.70 11.83 9.20
SE MSE A 301 9.43 9.99 8.28
SE MSE A 301 12.01 13.59 9.86
CE MSE A 301 8.22 9.39 9.71
CE MSE A 301 11.58 13.25 11.74
N ASP A 302 14.67 8.87 10.62
CA ASP A 302 15.97 8.23 10.41
C ASP A 302 15.88 6.71 10.12
N GLU A 303 14.95 6.05 10.77
CA GLU A 303 14.77 4.59 10.64
C GLU A 303 14.34 4.17 9.22
N LEU A 304 13.83 5.13 8.44
CA LEU A 304 13.33 4.89 7.09
C LEU A 304 14.39 5.19 6.06
N ASN A 305 15.63 5.39 6.48
CA ASN A 305 16.63 5.89 5.55
C ASN A 305 17.16 4.81 4.59
N ASN A 306 16.79 3.55 4.80
CA ASN A 306 17.18 2.48 3.87
CA ASN A 306 17.16 2.44 3.91
C ASN A 306 16.00 1.94 3.00
N LEU A 307 14.92 2.71 2.88
CA LEU A 307 13.73 2.29 2.13
C LEU A 307 13.70 3.04 0.82
N GLU A 308 13.03 2.45 -0.17
CA GLU A 308 12.94 3.07 -1.49
CA GLU A 308 12.94 3.07 -1.45
C GLU A 308 11.49 3.11 -1.89
N VAL A 309 11.09 4.18 -2.57
CA VAL A 309 9.74 4.41 -2.97
C VAL A 309 9.64 3.92 -4.40
N TYR A 310 8.58 3.25 -4.77
CA TYR A 310 8.44 2.78 -6.17
C TYR A 310 8.34 3.99 -7.11
N ASP A 311 8.96 3.89 -8.26
CA ASP A 311 8.90 4.91 -9.32
CA ASP A 311 8.83 4.92 -9.28
C ASP A 311 8.04 4.40 -10.46
N ASN A 312 7.47 5.33 -11.22
CA ASN A 312 6.80 5.00 -12.44
C ASN A 312 7.90 4.74 -13.44
N LEU A 313 8.05 3.51 -13.87
CA LEU A 313 9.13 3.16 -14.80
C LEU A 313 8.70 3.28 -16.28
N GLY A 314 7.45 3.72 -16.53
CA GLY A 314 6.94 3.80 -17.88
C GLY A 314 6.13 2.55 -18.18
N LYS A 315 5.23 2.67 -19.15
CA LYS A 315 4.28 1.64 -19.47
C LYS A 315 5.02 0.35 -19.89
N ARG A 316 6.03 0.48 -20.70
CA ARG A 316 6.73 -0.71 -21.16
C ARG A 316 7.43 -1.52 -20.05
N MSE A 317 8.24 -0.86 -19.25
CA MSE A 317 8.98 -1.53 -18.18
C MSE A 317 8.00 -1.98 -17.08
O MSE A 317 8.18 -3.02 -16.52
CB MSE A 317 10.03 -0.59 -17.59
CG MSE A 317 10.93 -1.29 -16.60
SE MSE A 317 11.94 -2.74 -17.42
CE MSE A 317 12.48 -1.77 -19.05
N LEU A 318 6.99 -1.17 -16.76
CA LEU A 318 5.99 -1.66 -15.74
C LEU A 318 5.29 -2.92 -16.24
N SER A 319 4.94 -2.97 -17.54
CA SER A 319 4.34 -4.17 -18.11
CA SER A 319 4.34 -4.18 -18.10
C SER A 319 5.31 -5.35 -18.07
N TYR A 320 6.60 -5.11 -18.28
CA TYR A 320 7.57 -6.19 -18.15
C TYR A 320 7.69 -6.72 -16.73
N TYR A 321 7.68 -5.86 -15.73
CA TYR A 321 7.57 -6.33 -14.34
C TYR A 321 6.34 -7.20 -14.14
N ASN A 322 5.19 -6.74 -14.63
CA ASN A 322 3.97 -7.52 -14.55
C ASN A 322 4.09 -8.89 -15.23
N GLU A 323 4.78 -8.97 -16.39
CA GLU A 323 4.92 -10.23 -17.10
CA GLU A 323 4.91 -10.21 -17.12
C GLU A 323 5.80 -11.20 -16.33
N LEU A 324 6.87 -10.69 -15.76
CA LEU A 324 7.80 -11.51 -14.95
C LEU A 324 7.11 -12.01 -13.67
N PHE A 325 6.30 -11.17 -13.05
CA PHE A 325 5.60 -11.56 -11.83
C PHE A 325 4.61 -12.67 -12.20
N LEU A 326 3.85 -12.50 -13.28
CA LEU A 326 2.91 -13.52 -13.74
C LEU A 326 3.58 -14.85 -14.02
N GLU A 327 4.77 -14.83 -14.63
CA GLU A 327 5.54 -16.07 -14.83
CA GLU A 327 5.57 -16.04 -14.83
C GLU A 327 5.90 -16.75 -13.50
N PHE A 328 6.38 -15.98 -12.55
CA PHE A 328 6.64 -16.49 -11.20
C PHE A 328 5.37 -17.19 -10.66
N LYS A 329 4.24 -16.50 -10.77
CA LYS A 329 2.95 -17.06 -10.34
C LYS A 329 2.56 -18.33 -11.06
N MSE A 330 2.97 -18.52 -12.31
CA MSE A 330 2.56 -19.69 -13.09
C MSE A 330 3.45 -20.90 -12.90
O MSE A 330 2.97 -22.00 -13.14
CB MSE A 330 2.43 -19.37 -14.59
CG MSE A 330 1.30 -18.38 -14.98
SE MSE A 330 -0.49 -18.70 -14.24
CE MSE A 330 -0.75 -17.33 -12.84
N TYR A 331 4.70 -20.74 -12.47
CA TYR A 331 5.60 -21.89 -12.31
CA TYR A 331 5.60 -21.90 -12.32
C TYR A 331 4.98 -23.00 -11.46
N ARG A 332 4.19 -22.56 -10.48
CA ARG A 332 3.76 -23.37 -9.37
C ARG A 332 2.31 -23.84 -9.54
C1 PGE B . -4.82 -3.69 1.49
O1 PGE B . -5.90 -3.95 2.44
C2 PGE B . -4.44 -2.21 1.50
O2 PGE B . -3.26 -1.93 0.62
C3 PGE B . -2.91 -0.51 0.59
C4 PGE B . -1.83 -0.12 -0.43
O4 PGE B . 1.92 -0.11 -2.92
C6 PGE B . 0.69 -0.54 -2.24
C5 PGE B . 0.61 -0.04 -0.81
O3 PGE B . -0.50 -0.60 0.00
O1 PG4 C . -21.71 0.32 5.40
C1 PG4 C . -21.66 1.70 5.11
C2 PG4 C . -21.07 1.82 3.72
O2 PG4 C . -19.76 1.20 3.67
C3 PG4 C . -19.28 1.05 2.34
C4 PG4 C . -17.83 0.62 2.44
O3 PG4 C . -17.95 -0.73 2.76
C5 PG4 C . -16.66 -1.33 3.03
C6 PG4 C . -16.89 -2.73 3.61
O4 PG4 C . -17.70 -3.53 2.71
C7 PG4 C . -18.38 -4.60 3.40
C8 PG4 C . -19.42 -5.24 2.51
O5 PG4 C . -18.68 -6.00 1.55
O1 PG4 D . 13.98 -8.56 -23.60
C1 PG4 D . 12.54 -8.68 -23.76
C2 PG4 D . 11.79 -8.11 -22.58
O2 PG4 D . 10.95 -7.05 -23.02
C3 PG4 D . 10.71 -6.01 -22.08
C4 PG4 D . 10.84 -4.71 -22.80
O3 PG4 D . 11.33 -3.71 -21.92
C5 PG4 D . 12.23 -2.69 -22.38
C6 PG4 D . 12.86 -2.79 -23.76
O4 PG4 D . 14.26 -2.56 -23.71
C7 PG4 D . 14.96 -3.22 -24.77
C8 PG4 D . 16.42 -3.45 -24.38
O5 PG4 D . 16.60 -4.88 -24.40
C1 PEG E . -13.38 10.84 -20.88
O1 PEG E . -13.07 11.61 -22.07
C2 PEG E . -12.13 10.63 -20.02
O2 PEG E . -12.05 9.29 -19.48
C3 PEG E . -10.67 8.80 -19.47
C4 PEG E . -10.51 7.38 -20.02
O4 PEG E . -9.55 7.14 -21.05
C1 EDO F . 10.12 10.92 2.73
O1 EDO F . 8.97 10.77 3.60
C2 EDO F . 9.85 10.28 1.37
O2 EDO F . 11.00 10.21 0.50
C1 EDO G . 8.09 4.10 -22.05
O1 EDO G . 7.06 3.09 -22.21
C2 EDO G . 9.23 4.06 -23.09
O2 EDO G . 8.94 3.33 -24.30
C1 EDO H . 19.31 -0.70 -2.70
O1 EDO H . 18.95 -1.96 -2.11
C2 EDO H . 20.33 -0.95 -3.82
O2 EDO H . 20.72 0.26 -4.50
C1 EDO I . -3.86 -13.70 -12.69
O1 EDO I . -2.96 -12.66 -12.26
C2 EDO I . -3.20 -15.06 -12.49
O2 EDO I . -3.29 -15.43 -11.11
C1 EDO J . -0.73 23.41 3.95
O1 EDO J . -1.65 23.77 2.90
C2 EDO J . -0.36 21.93 3.88
O2 EDO J . 0.10 21.45 5.16
C1 EDO K . -8.30 23.84 -9.95
O1 EDO K . -8.65 25.18 -9.55
C2 EDO K . -6.83 23.81 -10.36
O2 EDO K . -6.77 23.62 -11.80
#